data_7HDC
#
_entry.id   7HDC
#
_cell.length_a   88.778
_cell.length_b   88.778
_cell.length_c   39.492
_cell.angle_alpha   90.000
_cell.angle_beta   90.000
_cell.angle_gamma   90.000
#
_symmetry.space_group_name_H-M   'P 43'
#
loop_
_entity.id
_entity.type
_entity.pdbx_description
1 polymer 'Non-structural protein 3'
2 non-polymer (1R,2R)-1-(4-chlorophenyl)-2-[(7H-pyrrolo[2,3-d]pyrimidin-4-yl)amino]propane-1,3-diol
3 non-polymer (1R,2S)-1-(4-chlorophenyl)-2-[(7H-pyrrolo[2,3-d]pyrimidin-4-yl)amino]propane-1,3-diol
4 non-polymer 'CHLORIDE ION'
5 water water
#
_entity_poly.entity_id   1
_entity_poly.type   'polypeptide(L)'
_entity_poly.pdbx_seq_one_letter_code
;SMVNSFSGYLKLTDNVYIKNADIVEEAKKVKPTVVVNAANVYLKHGGGVAGALNKATNNAMQVESDDYIATNGPLKVGGS
CVLSGHNLAKHCLHVVGPNVNKGEDIQLLKSAYENFNQHEVLLAPLLSAGIFGADPIHSLRVCVDTVRTNVYLAVFDKNL
YDKLVSSFL
;
_entity_poly.pdbx_strand_id   A,B
#
# COMPACT_ATOMS: atom_id res chain seq x y z
N VAL A 3 -11.62 -9.81 -18.87
N VAL A 3 -10.53 -9.82 -18.31
CA VAL A 3 -12.58 -10.77 -18.30
CA VAL A 3 -11.50 -10.81 -17.82
C VAL A 3 -11.87 -11.66 -17.29
C VAL A 3 -10.88 -11.66 -16.72
N ASN A 4 -12.49 -11.81 -16.11
N ASN A 4 -11.64 -11.89 -15.66
CA ASN A 4 -11.99 -12.70 -15.07
CA ASN A 4 -11.17 -12.69 -14.53
C ASN A 4 -13.14 -13.57 -14.58
C ASN A 4 -12.02 -13.94 -14.36
N SER A 5 -12.82 -14.48 -13.65
N SER A 5 -11.98 -14.53 -13.17
CA SER A 5 -13.75 -15.52 -13.22
CA SER A 5 -12.75 -15.73 -12.85
C SER A 5 -14.53 -15.16 -11.96
C SER A 5 -13.81 -15.49 -11.78
N PHE A 6 -14.42 -13.92 -11.46
N PHE A 6 -13.98 -14.26 -11.31
CA PHE A 6 -15.21 -13.50 -10.31
CA PHE A 6 -15.02 -13.96 -10.36
C PHE A 6 -16.68 -13.44 -10.70
C PHE A 6 -16.39 -13.96 -11.04
N SER A 7 -17.56 -13.98 -9.86
N SER A 7 -17.43 -14.26 -10.28
CA SER A 7 -18.97 -14.19 -10.21
CA SER A 7 -18.78 -14.25 -10.81
C SER A 7 -19.90 -13.67 -9.12
C SER A 7 -19.76 -13.98 -9.69
N GLY A 8 -21.00 -13.04 -9.53
N GLY A 8 -20.85 -13.31 -10.04
CA GLY A 8 -22.02 -12.64 -8.58
CA GLY A 8 -21.89 -12.99 -9.08
C GLY A 8 -21.75 -11.35 -7.83
C GLY A 8 -21.66 -11.73 -8.27
N TYR A 9 -20.80 -10.54 -8.28
N TYR A 9 -20.63 -10.96 -8.60
CA TYR A 9 -20.48 -9.28 -7.61
CA TYR A 9 -20.36 -9.73 -7.85
C TYR A 9 -21.38 -8.16 -8.11
C TYR A 9 -21.23 -8.58 -8.36
N LEU A 10 -21.68 -7.23 -7.20
N LEU A 10 -21.71 -7.78 -7.42
CA LEU A 10 -22.29 -5.97 -7.56
CA LEU A 10 -22.38 -6.53 -7.73
C LEU A 10 -21.18 -4.96 -7.85
C LEU A 10 -21.31 -5.46 -7.98
N LYS A 11 -21.35 -4.19 -8.93
N LYS A 11 -21.45 -4.74 -9.10
CA LYS A 11 -20.35 -3.21 -9.35
CA LYS A 11 -20.50 -3.71 -9.45
C LYS A 11 -20.65 -1.90 -8.65
C LYS A 11 -20.83 -2.44 -8.68
N LEU A 12 -19.74 -1.42 -7.81
N LEU A 12 -19.85 -1.91 -7.95
CA LEU A 12 -19.94 -0.14 -7.14
CA LEU A 12 -20.05 -0.66 -7.22
C LEU A 12 -19.37 1.03 -7.94
C LEU A 12 -19.52 0.56 -7.95
N THR A 13 -18.20 0.84 -8.54
N THR A 13 -18.32 0.47 -8.53
CA THR A 13 -17.53 1.86 -9.35
CA THR A 13 -17.70 1.59 -9.23
C THR A 13 -16.85 1.16 -10.52
C THR A 13 -16.97 1.05 -10.45
N ASP A 14 -16.07 1.93 -11.29
N ASP A 14 -16.23 1.94 -11.11
CA ASP A 14 -15.32 1.37 -12.40
CA ASP A 14 -15.41 1.51 -12.24
C ASP A 14 -14.53 0.11 -12.01
C ASP A 14 -14.46 0.40 -11.84
N ASN A 15 -13.95 0.09 -10.80
N ASN A 15 -14.00 0.37 -10.58
CA ASN A 15 -12.98 -0.93 -10.45
CA ASN A 15 -12.96 -0.58 -10.18
C ASN A 15 -13.28 -1.68 -9.17
C ASN A 15 -13.24 -1.33 -8.89
N VAL A 16 -14.30 -1.31 -8.40
N VAL A 16 -14.44 -1.22 -8.31
CA VAL A 16 -14.64 -1.96 -7.14
CA VAL A 16 -14.74 -1.83 -7.01
C VAL A 16 -15.94 -2.73 -7.30
C VAL A 16 -16.02 -2.67 -7.14
N TYR A 17 -15.92 -3.96 -6.80
CA TYR A 17 -17.01 -4.92 -6.86
C TYR A 17 -17.21 -5.52 -5.48
N ILE A 18 -18.42 -5.97 -5.16
CA ILE A 18 -18.74 -6.45 -3.81
C ILE A 18 -19.70 -7.63 -3.86
N LYS A 19 -19.54 -8.58 -2.94
N LYS A 19 -19.58 -8.50 -2.86
CA LYS A 19 -20.33 -9.81 -2.95
CA LYS A 19 -20.42 -9.67 -2.70
C LYS A 19 -20.43 -10.34 -1.52
C LYS A 19 -20.56 -10.02 -1.22
N ASN A 20 -21.60 -10.89 -1.17
N ASN A 20 -21.71 -10.57 -0.86
CA ASN A 20 -21.75 -11.60 0.10
CA ASN A 20 -21.91 -11.17 0.46
C ASN A 20 -21.14 -12.98 -0.08
C ASN A 20 -21.32 -12.56 0.41
N ALA A 21 -19.99 -13.20 0.53
N ALA A 21 -20.09 -12.73 0.89
CA ALA A 21 -19.30 -14.47 0.34
CA ALA A 21 -19.43 -14.02 0.80
C ALA A 21 -18.26 -14.66 1.43
C ALA A 21 -18.31 -14.10 1.84
N ASP A 22 -18.00 -15.92 1.76
N ASP A 22 -17.93 -15.34 2.13
CA ASP A 22 -16.91 -16.30 2.63
CA ASP A 22 -16.75 -15.63 2.94
C ASP A 22 -15.63 -16.26 1.82
C ASP A 22 -15.53 -15.61 2.03
N ILE A 23 -14.71 -15.36 2.19
N ILE A 23 -14.54 -14.77 2.34
CA ILE A 23 -13.48 -15.17 1.42
CA ILE A 23 -13.36 -14.63 1.50
C ILE A 23 -12.70 -16.47 1.30
C ILE A 23 -12.66 -15.98 1.33
N VAL A 24 -12.77 -17.32 2.33
N VAL A 24 -12.74 -16.84 2.34
CA VAL A 24 -12.12 -18.63 2.25
CA VAL A 24 -12.10 -18.15 2.24
C VAL A 24 -12.69 -19.45 1.11
C VAL A 24 -12.79 -18.98 1.17
N GLU A 25 -14.02 -19.56 1.06
N GLU A 25 -14.12 -18.94 1.11
CA GLU A 25 -14.66 -20.33 0.00
CA GLU A 25 -14.84 -19.69 0.09
C GLU A 25 -14.49 -19.66 -1.35
C GLU A 25 -14.62 -19.10 -1.30
N GLU A 26 -14.52 -18.33 -1.39
N GLU A 26 -14.62 -17.77 -1.41
CA GLU A 26 -14.29 -17.62 -2.64
CA GLU A 26 -14.28 -17.13 -2.69
C GLU A 26 -12.91 -17.89 -3.19
C GLU A 26 -12.88 -17.55 -3.14
N ALA A 27 -11.87 -17.74 -2.36
N ALA A 27 -11.96 -17.70 -2.19
CA ALA A 27 -10.50 -17.96 -2.83
CA ALA A 27 -10.60 -18.10 -2.55
C ALA A 27 -10.31 -19.38 -3.33
C ALA A 27 -10.57 -19.53 -3.06
N LYS A 28 -10.85 -20.37 -2.61
N LYS A 28 -11.18 -20.46 -2.33
CA LYS A 28 -10.74 -21.75 -3.06
CA LYS A 28 -11.13 -21.87 -2.71
C LYS A 28 -11.38 -21.94 -4.43
C LYS A 28 -11.71 -22.11 -4.09
N LYS A 29 -12.51 -21.28 -4.68
N LYS A 29 -12.66 -21.28 -4.52
CA LYS A 29 -13.19 -21.43 -5.97
CA LYS A 29 -13.38 -21.51 -5.77
C LYS A 29 -12.44 -20.69 -7.07
C LYS A 29 -12.80 -20.76 -6.96
N VAL A 30 -12.14 -19.41 -6.85
N VAL A 30 -12.07 -19.67 -6.73
CA VAL A 30 -11.52 -18.59 -7.89
CA VAL A 30 -11.59 -18.82 -7.81
C VAL A 30 -10.04 -18.90 -8.04
C VAL A 30 -10.09 -18.96 -8.02
N LYS A 31 -9.34 -19.21 -6.94
CA LYS A 31 -7.89 -19.31 -6.94
C LYS A 31 -7.30 -18.03 -7.56
N PRO A 32 -7.59 -16.87 -6.98
CA PRO A 32 -7.15 -15.61 -7.57
C PRO A 32 -5.64 -15.47 -7.50
N THR A 33 -5.13 -14.56 -8.33
CA THR A 33 -3.71 -14.26 -8.27
C THR A 33 -3.32 -13.73 -6.88
N VAL A 34 -4.17 -12.89 -6.29
CA VAL A 34 -3.90 -12.27 -5.00
C VAL A 34 -5.14 -12.35 -4.13
N VAL A 35 -5.01 -12.95 -2.94
CA VAL A 35 -5.98 -12.80 -1.87
C VAL A 35 -5.36 -11.91 -0.80
N VAL A 36 -6.14 -10.96 -0.28
CA VAL A 36 -5.69 -10.09 0.78
C VAL A 36 -6.08 -10.68 2.13
N ASN A 37 -5.10 -10.73 3.04
CA ASN A 37 -5.35 -11.07 4.44
C ASN A 37 -5.43 -9.81 5.28
N ALA A 38 -6.39 -9.80 6.21
CA ALA A 38 -6.51 -8.78 7.25
C ALA A 38 -5.54 -9.12 8.38
N ALA A 39 -4.28 -8.76 8.19
CA ALA A 39 -3.19 -9.16 9.06
C ALA A 39 -2.99 -8.17 10.20
N ASN A 40 -2.26 -8.62 11.22
CA ASN A 40 -1.66 -7.74 12.22
C ASN A 40 -0.14 -7.71 12.01
N VAL A 41 0.52 -6.79 12.73
CA VAL A 41 1.94 -6.54 12.47
C VAL A 41 2.81 -7.75 12.76
N TYR A 42 2.34 -8.67 13.60
CA TYR A 42 3.09 -9.87 13.97
C TYR A 42 2.78 -11.06 13.09
N LEU A 43 1.87 -10.89 12.13
CA LEU A 43 1.36 -11.99 11.31
C LEU A 43 0.92 -13.17 12.16
N LYS A 44 0.26 -12.87 13.29
CA LYS A 44 -0.35 -13.88 14.15
C LYS A 44 -1.80 -14.04 13.71
N HIS A 45 -2.08 -15.13 13.00
N HIS A 45 -2.08 -15.14 13.01
CA HIS A 45 -3.35 -15.27 12.30
CA HIS A 45 -3.37 -15.32 12.34
C HIS A 45 -4.34 -16.06 13.17
C HIS A 45 -4.30 -16.07 13.28
N GLY A 46 -4.74 -15.43 14.27
N GLY A 46 -5.00 -15.34 14.15
CA GLY A 46 -5.48 -16.12 15.31
CA GLY A 46 -5.78 -15.98 15.18
C GLY A 46 -6.99 -16.14 15.15
C GLY A 46 -7.26 -16.14 14.85
N GLY A 47 -7.55 -15.11 14.53
N GLY A 47 -7.86 -15.12 14.28
CA GLY A 47 -8.99 -14.96 14.45
CA GLY A 47 -9.30 -15.11 14.09
C GLY A 47 -9.36 -14.04 13.31
C GLY A 47 -9.69 -14.20 12.95
N GLY A 48 -10.67 -13.79 13.19
N GLY A 48 -11.00 -14.06 12.77
CA GLY A 48 -11.13 -12.96 12.10
CA GLY A 48 -11.49 -13.27 11.65
C GLY A 48 -10.82 -13.60 10.77
C GLY A 48 -10.96 -13.82 10.34
N VAL A 49 -10.70 -12.76 9.74
N VAL A 49 -10.67 -12.90 9.42
CA VAL A 49 -10.35 -13.25 8.41
CA VAL A 49 -10.14 -13.27 8.10
C VAL A 49 -9.02 -14.00 8.45
C VAL A 49 -8.87 -14.10 8.26
N ALA A 50 -8.02 -13.46 9.16
N ALA A 50 -7.93 -13.64 9.08
CA ALA A 50 -6.71 -14.08 9.19
CA ALA A 50 -6.63 -14.28 9.15
C ALA A 50 -6.75 -15.47 9.78
C ALA A 50 -6.74 -15.70 9.71
N GLY A 51 -7.47 -15.64 10.90
N GLY A 51 -7.46 -15.86 10.81
CA GLY A 51 -7.57 -16.96 11.49
CA GLY A 51 -7.65 -17.20 11.35
C GLY A 51 -8.25 -17.95 10.56
C GLY A 51 -8.33 -18.12 10.37
N ALA A 52 -9.27 -17.49 9.83
N ALA A 52 -9.30 -17.60 9.62
CA ALA A 52 -9.98 -18.37 8.90
CA ALA A 52 -10.02 -18.42 8.65
C ALA A 52 -9.13 -18.75 7.70
C ALA A 52 -9.13 -18.78 7.47
N LEU A 53 -8.44 -17.78 7.09
N LEU A 53 -8.40 -17.81 6.91
CA LEU A 53 -7.58 -18.11 5.95
CA LEU A 53 -7.45 -18.12 5.86
C LEU A 53 -6.47 -19.06 6.38
C LEU A 53 -6.42 -19.13 6.35
N ASN A 54 -5.88 -18.82 7.54
N ASN A 54 -5.79 -18.85 7.50
CA ASN A 54 -4.79 -19.69 7.97
CA ASN A 54 -4.74 -19.74 7.97
C ASN A 54 -5.28 -21.12 8.22
C ASN A 54 -5.28 -21.15 8.21
N LYS A 55 -6.46 -21.26 8.84
CA LYS A 55 -7.04 -22.57 9.06
C LYS A 55 -7.22 -23.32 7.75
N ALA A 56 -7.67 -22.61 6.71
CA ALA A 56 -7.87 -23.24 5.41
C ALA A 56 -6.57 -23.72 4.77
N THR A 57 -5.42 -23.15 5.15
CA THR A 57 -4.11 -23.61 4.71
C THR A 57 -3.51 -24.68 5.62
N ASN A 58 -4.28 -25.18 6.58
CA ASN A 58 -3.76 -26.21 7.49
C ASN A 58 -2.56 -25.70 8.28
N ASN A 59 -2.56 -24.40 8.60
CA ASN A 59 -1.52 -23.70 9.38
C ASN A 59 -0.25 -23.42 8.58
N ALA A 60 -0.20 -23.75 7.29
CA ALA A 60 1.00 -23.44 6.51
C ALA A 60 1.23 -21.95 6.40
N MET A 61 0.16 -21.15 6.33
CA MET A 61 0.31 -19.70 6.33
C MET A 61 1.02 -19.22 7.59
N GLN A 62 0.65 -19.76 8.76
CA GLN A 62 1.28 -19.35 10.00
C GLN A 62 2.76 -19.75 10.03
N VAL A 63 3.08 -20.96 9.58
CA VAL A 63 4.48 -21.42 9.57
C VAL A 63 5.32 -20.49 8.71
N GLU A 64 4.83 -20.17 7.50
CA GLU A 64 5.55 -19.27 6.62
C GLU A 64 5.69 -17.89 7.25
N SER A 65 4.62 -17.42 7.88
CA SER A 65 4.62 -16.10 8.49
C SER A 65 5.61 -16.01 9.64
N ASP A 66 5.72 -17.05 10.46
CA ASP A 66 6.65 -17.01 11.58
C ASP A 66 8.08 -16.90 11.08
N ASP A 67 8.41 -17.59 9.99
CA ASP A 67 9.73 -17.44 9.39
C ASP A 67 9.94 -16.02 8.86
N TYR A 68 8.91 -15.44 8.22
CA TYR A 68 9.02 -14.07 7.73
C TYR A 68 9.33 -13.10 8.86
N ILE A 69 8.61 -13.21 9.98
CA ILE A 69 8.81 -12.30 11.10
C ILE A 69 10.18 -12.52 11.74
N ALA A 70 10.60 -13.78 11.88
CA ALA A 70 11.91 -14.05 12.45
C ALA A 70 13.02 -13.39 11.64
N THR A 71 12.84 -13.30 10.32
CA THR A 71 13.85 -12.69 9.46
C THR A 71 13.74 -11.18 9.40
N ASN A 72 12.51 -10.65 9.32
CA ASN A 72 12.28 -9.27 8.95
C ASN A 72 11.73 -8.39 10.05
N GLY A 73 11.24 -8.97 11.14
CA GLY A 73 10.57 -8.20 12.15
C GLY A 73 9.15 -7.84 11.74
N PRO A 74 8.43 -7.18 12.66
CA PRO A 74 7.02 -6.88 12.41
C PRO A 74 6.81 -5.91 11.25
N LEU A 75 5.63 -6.01 10.66
CA LEU A 75 5.18 -5.02 9.70
C LEU A 75 4.85 -3.71 10.43
N LYS A 76 4.64 -2.67 9.62
CA LYS A 76 4.06 -1.41 10.09
C LYS A 76 2.54 -1.45 9.97
N VAL A 77 1.85 -0.78 10.91
CA VAL A 77 0.43 -0.52 10.70
C VAL A 77 0.29 0.34 9.45
N GLY A 78 -0.55 -0.09 8.51
CA GLY A 78 -0.65 0.51 7.20
C GLY A 78 0.20 -0.16 6.15
N GLY A 79 1.07 -1.10 6.55
CA GLY A 79 1.97 -1.75 5.65
C GLY A 79 1.49 -3.13 5.21
N SER A 80 2.36 -3.81 4.46
CA SER A 80 1.99 -5.09 3.87
C SER A 80 3.24 -5.89 3.54
N CYS A 81 3.03 -7.18 3.29
CA CYS A 81 4.04 -8.00 2.65
C CYS A 81 3.33 -9.03 1.77
N VAL A 82 4.04 -9.49 0.73
CA VAL A 82 3.55 -10.53 -0.16
C VAL A 82 4.17 -11.85 0.25
N LEU A 83 3.32 -12.84 0.54
CA LEU A 83 3.75 -14.19 0.84
C LEU A 83 2.97 -15.15 -0.04
N SER A 84 3.18 -16.45 0.17
CA SER A 84 2.48 -17.44 -0.64
C SER A 84 0.98 -17.40 -0.38
N GLY A 85 0.20 -17.71 -1.42
CA GLY A 85 -1.21 -17.94 -1.27
C GLY A 85 -1.57 -19.37 -0.93
N HIS A 86 -0.58 -20.26 -0.84
CA HIS A 86 -0.80 -21.66 -0.43
C HIS A 86 -1.85 -22.27 -1.36
N ASN A 87 -2.84 -22.98 -0.83
CA ASN A 87 -3.87 -23.62 -1.61
C ASN A 87 -5.02 -22.68 -1.96
N LEU A 88 -4.93 -21.40 -1.61
CA LEU A 88 -6.04 -20.48 -1.78
C LEU A 88 -5.89 -19.51 -2.94
N ALA A 89 -4.67 -19.19 -3.33
CA ALA A 89 -4.37 -18.15 -4.30
C ALA A 89 -2.91 -18.30 -4.68
N LYS A 90 -2.49 -17.62 -5.74
CA LYS A 90 -1.06 -17.61 -6.04
C LYS A 90 -0.28 -16.93 -4.91
N HIS A 91 -0.72 -15.73 -4.53
CA HIS A 91 -0.07 -14.92 -3.52
C HIS A 91 -1.09 -14.50 -2.48
N CYS A 92 -0.61 -14.27 -1.26
CA CYS A 92 -1.37 -13.59 -0.23
C CYS A 92 -0.70 -12.26 0.09
N LEU A 93 -1.44 -11.17 -0.09
CA LEU A 93 -1.01 -9.85 0.34
C LEU A 93 -1.52 -9.63 1.77
N HIS A 94 -0.60 -9.71 2.74
CA HIS A 94 -0.94 -9.47 4.13
C HIS A 94 -0.91 -7.98 4.36
N VAL A 95 -2.06 -7.38 4.67
CA VAL A 95 -2.19 -5.93 4.83
C VAL A 95 -2.64 -5.65 6.24
N VAL A 96 -1.97 -4.71 6.91
CA VAL A 96 -2.29 -4.35 8.28
C VAL A 96 -3.09 -3.05 8.27
N GLY A 97 -4.39 -3.15 8.45
N GLY A 97 -4.39 -3.14 8.51
CA GLY A 97 -5.21 -2.01 8.75
CA GLY A 97 -5.19 -1.96 8.77
C GLY A 97 -5.13 -1.71 10.24
C GLY A 97 -5.05 -1.52 10.21
N PRO A 98 -5.41 -0.47 10.63
N PRO A 98 -5.36 -0.26 10.50
CA PRO A 98 -5.43 -0.16 12.07
CA PRO A 98 -5.31 0.20 11.90
C PRO A 98 -6.52 -0.96 12.79
C PRO A 98 -6.36 -0.51 12.75
N ASN A 99 -6.17 -1.43 13.98
N ASN A 99 -5.98 -0.82 13.98
CA ASN A 99 -7.11 -2.12 14.86
CA ASN A 99 -6.88 -1.45 14.93
C ASN A 99 -7.60 -1.13 15.90
C ASN A 99 -7.39 -0.37 15.88
N VAL A 100 -8.85 -0.68 15.75
N VAL A 100 -8.66 0.00 15.70
CA VAL A 100 -9.41 0.32 16.65
CA VAL A 100 -9.26 1.07 16.50
C VAL A 100 -9.43 -0.19 18.08
C VAL A 100 -9.24 0.72 17.98
N ASN A 101 -9.63 -1.49 18.27
N ASN A 101 -9.36 -0.56 18.31
CA ASN A 101 -9.63 -2.05 19.62
CA ASN A 101 -9.31 -0.98 19.71
C ASN A 101 -8.23 -2.07 20.23
C ASN A 101 -7.93 -0.81 20.33
N LYS A 102 -7.21 -1.60 19.51
N LYS A 102 -6.88 -0.79 19.51
CA LYS A 102 -5.88 -1.35 20.08
CA LYS A 102 -5.52 -0.55 19.97
C LYS A 102 -5.56 0.14 20.17
C LYS A 102 -5.13 0.93 19.95
N GLY A 103 -6.46 1.01 19.72
N GLY A 103 -6.09 1.82 19.69
CA GLY A 103 -6.23 2.44 19.75
CA GLY A 103 -5.80 3.23 19.62
C GLY A 103 -5.46 3.00 18.57
C GLY A 103 -5.08 3.68 18.37
N GLU A 104 -5.36 2.25 17.48
N GLU A 104 -5.10 2.87 17.31
CA GLU A 104 -4.55 2.68 16.33
CA GLU A 104 -4.30 3.16 16.14
C GLU A 104 -5.31 3.69 15.47
C GLU A 104 -5.01 4.13 15.21
N ASP A 105 -4.54 4.59 14.86
N ASP A 105 -4.21 4.95 14.53
CA ASP A 105 -5.09 5.73 14.16
CA ASP A 105 -4.71 6.09 13.77
C ASP A 105 -5.85 5.28 12.91
C ASP A 105 -5.58 5.65 12.61
N ILE A 106 -7.14 5.59 12.85
N ILE A 106 -6.83 6.12 12.60
CA ILE A 106 -7.97 5.18 11.72
CA ILE A 106 -7.76 5.75 11.54
C ILE A 106 -7.51 5.84 10.42
C ILE A 106 -7.29 6.25 10.18
N GLN A 107 -6.80 6.97 10.52
N GLN A 107 -6.51 7.35 10.16
CA GLN A 107 -6.24 7.61 9.34
CA GLN A 107 -5.95 7.82 8.90
C GLN A 107 -5.31 6.70 8.57
C GLN A 107 -5.11 6.75 8.22
N LEU A 108 -4.71 5.70 9.25
N LEU A 108 -4.53 5.83 9.02
CA LEU A 108 -3.81 4.77 8.57
CA LEU A 108 -3.73 4.74 8.47
C LEU A 108 -4.55 3.82 7.65
C LEU A 108 -4.55 3.77 7.62
N LEU A 109 -5.88 3.84 7.67
CA LEU A 109 -6.66 2.97 6.79
C LEU A 109 -6.40 3.28 5.32
N LYS A 110 -6.25 4.56 4.98
CA LYS A 110 -5.95 4.90 3.59
C LYS A 110 -4.60 4.34 3.17
N SER A 111 -3.58 4.49 4.02
CA SER A 111 -2.27 3.91 3.73
C SER A 111 -2.37 2.41 3.52
N ALA A 112 -3.17 1.73 4.35
CA ALA A 112 -3.35 0.28 4.20
C ALA A 112 -3.90 -0.07 2.83
N TYR A 113 -4.96 0.64 2.40
CA TYR A 113 -5.55 0.36 1.10
C TYR A 113 -4.62 0.70 -0.06
N GLU A 114 -3.69 1.65 0.12
CA GLU A 114 -2.76 1.98 -0.96
C GLU A 114 -1.94 0.76 -1.39
N ASN A 115 -1.72 -0.20 -0.48
CA ASN A 115 -0.98 -1.39 -0.86
C ASN A 115 -1.66 -2.15 -1.99
N PHE A 116 -3.00 -2.05 -2.08
CA PHE A 116 -3.73 -2.77 -3.12
C PHE A 116 -3.33 -2.29 -4.51
N ASN A 117 -2.88 -1.04 -4.64
CA ASN A 117 -2.59 -0.49 -5.96
C ASN A 117 -1.37 -1.11 -6.61
N GLN A 118 -0.60 -1.91 -5.87
CA GLN A 118 0.54 -2.61 -6.44
C GLN A 118 0.15 -3.91 -7.14
N HIS A 119 -1.15 -4.22 -7.21
CA HIS A 119 -1.65 -5.47 -7.78
C HIS A 119 -2.84 -5.16 -8.67
N GLU A 120 -2.84 -5.72 -9.88
CA GLU A 120 -3.84 -5.34 -10.86
C GLU A 120 -5.25 -5.81 -10.49
N VAL A 121 -5.36 -6.97 -9.83
CA VAL A 121 -6.63 -7.56 -9.44
C VAL A 121 -6.44 -8.25 -8.10
N LEU A 122 -7.39 -8.06 -7.18
CA LEU A 122 -7.32 -8.66 -5.85
C LEU A 122 -8.69 -9.09 -5.37
N LEU A 123 -8.72 -10.19 -4.63
CA LEU A 123 -9.84 -10.59 -3.77
C LEU A 123 -9.52 -10.13 -2.36
N ALA A 124 -10.44 -9.43 -1.69
N ALA A 124 -10.40 -9.37 -1.74
CA ALA A 124 -10.07 -8.79 -0.43
CA ALA A 124 -10.05 -8.71 -0.50
C ALA A 124 -11.27 -8.67 0.50
C ALA A 124 -11.23 -8.65 0.47
N PRO A 125 -11.02 -8.55 1.81
N PRO A 125 -10.94 -8.65 1.76
CA PRO A 125 -12.03 -8.09 2.76
CA PRO A 125 -11.96 -8.37 2.76
C PRO A 125 -11.92 -6.58 2.95
C PRO A 125 -12.01 -6.87 2.98
N LEU A 126 -12.93 -6.03 3.62
N LEU A 126 -12.95 -6.41 3.80
CA LEU A 126 -12.86 -4.65 4.06
CA LEU A 126 -13.02 -5.01 4.17
C LEU A 126 -11.84 -4.52 5.19
C LEU A 126 -12.01 -4.75 5.29
N LEU A 127 -10.85 -3.66 4.98
N LEU A 127 -10.93 -4.03 4.97
CA LEU A 127 -9.79 -3.48 5.97
CA LEU A 127 -9.88 -3.82 5.95
C LEU A 127 -10.32 -2.80 7.22
C LEU A 127 -10.38 -3.04 7.16
N SER A 128 -9.82 -3.24 8.35
N SER A 128 -9.83 -3.38 8.33
CA SER A 128 -10.17 -2.74 9.68
CA SER A 128 -10.11 -2.79 9.64
C SER A 128 -11.60 -3.05 10.09
C SER A 128 -11.52 -3.02 10.13
N ALA A 129 -12.32 -3.86 9.30
N ALA A 129 -12.39 -3.71 9.38
CA ALA A 129 -13.68 -4.28 9.67
CA ALA A 129 -13.74 -4.00 9.83
C ALA A 129 -13.60 -5.46 10.65
C ALA A 129 -13.74 -5.24 10.74
N GLY A 130 -14.76 -6.02 10.97
N GLY A 130 -14.91 -5.54 11.27
CA GLY A 130 -14.77 -7.17 11.86
CA GLY A 130 -15.06 -6.69 12.14
C GLY A 130 -14.12 -6.83 13.19
C GLY A 130 -14.22 -6.55 13.39
N ILE A 131 -13.22 -7.71 13.65
N ILE A 131 -13.54 -7.64 13.75
CA ILE A 131 -12.59 -7.58 14.96
CA ILE A 131 -12.78 -7.70 14.99
C ILE A 131 -11.58 -6.43 15.05
C ILE A 131 -11.70 -6.61 15.07
N PHE A 132 -11.21 -5.81 13.93
N PHE A 132 -11.42 -5.92 13.96
CA PHE A 132 -10.38 -4.62 13.99
CA PHE A 132 -10.48 -4.81 14.00
C PHE A 132 -11.15 -3.37 14.37
C PHE A 132 -11.09 -3.50 14.50
N GLY A 133 -12.49 -3.45 14.44
N GLY A 133 -12.41 -3.39 14.58
CA GLY A 133 -13.28 -2.46 15.14
CA GLY A 133 -13.05 -2.34 15.34
C GLY A 133 -13.71 -1.23 14.36
C GLY A 133 -13.41 -1.06 14.62
N ALA A 134 -13.30 -1.07 13.11
N ALA A 134 -13.15 -0.94 13.33
CA ALA A 134 -13.72 0.11 12.38
CA ALA A 134 -13.47 0.29 12.62
C ALA A 134 -15.11 -0.09 11.76
C ALA A 134 -14.88 0.23 12.02
N ASP A 135 -15.72 1.02 11.39
N ASP A 135 -15.36 1.38 11.57
CA ASP A 135 -17.03 1.02 10.73
CA ASP A 135 -16.69 1.46 10.96
C ASP A 135 -16.85 0.48 9.31
C ASP A 135 -16.62 0.92 9.54
N PRO A 136 -17.46 -0.66 8.96
N PRO A 136 -17.41 -0.10 9.19
CA PRO A 136 -17.28 -1.18 7.59
CA PRO A 136 -17.26 -0.70 7.85
C PRO A 136 -17.77 -0.23 6.50
C PRO A 136 -17.73 0.18 6.72
N ILE A 137 -18.74 0.64 6.80
N ILE A 137 -18.83 0.93 6.91
CA ILE A 137 -19.18 1.62 5.80
CA ILE A 137 -19.24 1.90 5.90
C ILE A 137 -18.05 2.59 5.48
C ILE A 137 -18.07 2.81 5.56
N HIS A 138 -17.37 3.09 6.51
N HIS A 138 -17.32 3.20 6.58
CA HIS A 138 -16.22 3.97 6.30
CA HIS A 138 -16.13 4.03 6.37
C HIS A 138 -15.11 3.24 5.55
C HIS A 138 -15.05 3.27 5.61
N SER A 139 -14.83 1.99 5.93
CA SER A 139 -13.81 1.23 5.24
C SER A 139 -14.12 1.12 3.75
N LEU A 140 -15.38 0.86 3.40
CA LEU A 140 -15.74 0.77 1.99
C LEU A 140 -15.50 2.10 1.28
N ARG A 141 -15.85 3.21 1.93
CA ARG A 141 -15.63 4.53 1.35
C ARG A 141 -14.14 4.76 1.08
N VAL A 142 -13.30 4.46 2.06
CA VAL A 142 -11.85 4.63 1.86
C VAL A 142 -11.37 3.74 0.73
N CYS A 143 -11.84 2.50 0.69
CA CYS A 143 -11.46 1.59 -0.39
C CYS A 143 -11.76 2.22 -1.75
N VAL A 144 -13.00 2.66 -1.95
CA VAL A 144 -13.41 3.20 -3.24
C VAL A 144 -12.60 4.44 -3.60
N ASP A 145 -12.27 5.25 -2.60
CA ASP A 145 -11.56 6.50 -2.84
C ASP A 145 -10.04 6.34 -2.88
N THR A 146 -9.52 5.15 -2.66
CA THR A 146 -8.07 4.93 -2.60
C THR A 146 -7.58 3.90 -3.61
N VAL A 147 -8.29 2.78 -3.74
CA VAL A 147 -7.86 1.71 -4.63
C VAL A 147 -8.26 2.06 -6.05
N ARG A 148 -7.30 1.97 -6.97
CA ARG A 148 -7.50 2.22 -8.39
C ARG A 148 -7.44 0.95 -9.22
N THR A 149 -6.86 -0.12 -8.68
CA THR A 149 -6.83 -1.41 -9.34
C THR A 149 -8.16 -2.13 -9.06
N ASN A 150 -8.32 -3.30 -9.67
CA ASN A 150 -9.61 -3.99 -9.65
C ASN A 150 -9.72 -4.83 -8.38
N VAL A 151 -10.66 -4.47 -7.51
CA VAL A 151 -10.81 -5.12 -6.22
C VAL A 151 -12.19 -5.73 -6.10
N TYR A 152 -12.19 -7.01 -5.71
CA TYR A 152 -13.38 -7.82 -5.48
C TYR A 152 -13.49 -8.04 -3.99
N LEU A 153 -14.46 -7.37 -3.37
CA LEU A 153 -14.64 -7.39 -1.92
C LEU A 153 -15.62 -8.48 -1.51
N ALA A 154 -15.17 -9.37 -0.65
N ALA A 154 -15.24 -9.29 -0.53
CA ALA A 154 -15.98 -10.43 -0.08
CA ALA A 154 -16.12 -10.32 0.04
C ALA A 154 -16.40 -9.99 1.31
C ALA A 154 -16.48 -9.90 1.46
N VAL A 155 -17.71 -10.00 1.55
N VAL A 155 -17.77 -9.63 1.69
CA VAL A 155 -18.29 -9.64 2.84
CA VAL A 155 -18.29 -9.16 2.98
C VAL A 155 -18.99 -10.88 3.38
C VAL A 155 -19.02 -10.32 3.66
N PHE A 156 -18.48 -11.40 4.50
N PHE A 156 -18.53 -10.72 4.84
CA PHE A 156 -18.99 -12.65 5.04
CA PHE A 156 -18.99 -11.95 5.50
C PHE A 156 -20.44 -12.51 5.53
C PHE A 156 -20.42 -11.82 6.01
N ASP A 157 -20.75 -11.42 6.21
N ASP A 157 -20.80 -10.63 6.47
CA ASP A 157 -22.03 -11.25 6.90
CA ASP A 157 -22.07 -10.42 7.17
C ASP A 157 -23.07 -10.74 5.91
C ASP A 157 -23.14 -9.94 6.20
N LYS A 158 -24.14 -11.51 5.71
N LYS A 158 -24.24 -10.69 6.10
CA LYS A 158 -25.17 -11.10 4.75
CA LYS A 158 -25.28 -10.40 5.11
C LYS A 158 -25.85 -9.81 5.21
C LYS A 158 -25.96 -9.05 5.38
N ASN A 159 -26.16 -9.70 6.50
N ASN A 159 -26.37 -8.82 6.63
CA ASN A 159 -26.80 -8.47 6.99
CA ASN A 159 -26.97 -7.54 6.97
C ASN A 159 -25.91 -7.27 6.72
C ASN A 159 -26.02 -6.38 6.67
N LEU A 160 -24.60 -7.39 6.98
N LEU A 160 -24.73 -6.57 6.96
CA LEU A 160 -23.71 -6.25 6.76
CA LEU A 160 -23.74 -5.57 6.59
C LEU A 160 -23.63 -5.86 5.30
C LEU A 160 -23.62 -5.45 5.07
N TYR A 161 -23.60 -6.85 4.41
N TYR A 161 -23.48 -6.59 4.36
CA TYR A 161 -23.52 -6.57 2.99
CA TYR A 161 -23.48 -6.55 2.91
C TYR A 161 -24.67 -5.68 2.53
C TYR A 161 -24.70 -5.82 2.39
N ASP A 162 -25.90 -5.98 2.95
N ASP A 162 -25.88 -6.25 2.83
CA ASP A 162 -27.06 -5.22 2.49
CA ASP A 162 -27.11 -5.56 2.46
C ASP A 162 -26.98 -3.77 2.94
C ASP A 162 -27.04 -4.08 2.82
N LYS A 163 -26.49 -3.53 4.15
N LYS A 163 -26.46 -3.76 3.99
CA LYS A 163 -26.32 -2.17 4.63
CA LYS A 163 -26.41 -2.37 4.44
C LYS A 163 -25.26 -1.43 3.82
C LYS A 163 -25.39 -1.57 3.62
N LEU A 164 -24.19 -2.14 3.42
CA LEU A 164 -23.15 -1.47 2.63
C LEU A 164 -23.66 -1.09 1.25
N VAL A 165 -24.40 -1.98 0.61
CA VAL A 165 -24.95 -1.69 -0.70
C VAL A 165 -25.98 -0.57 -0.60
N SER A 166 -26.93 -0.70 0.32
CA SER A 166 -28.04 0.24 0.37
C SER A 166 -27.59 1.63 0.75
N SER A 167 -26.49 1.75 1.49
CA SER A 167 -26.00 3.04 1.94
C SER A 167 -24.90 3.60 1.06
N PHE A 168 -24.54 2.92 -0.03
CA PHE A 168 -23.40 3.33 -0.82
C PHE A 168 -23.73 4.57 -1.65
N LEU A 169 -22.84 5.56 -1.58
CA LEU A 169 -23.05 6.78 -2.33
C LEU A 169 -22.21 6.74 -3.60
N SER B 1 22.12 12.97 19.53
N SER B 1 22.08 12.97 19.48
CA SER B 1 22.55 13.25 18.16
CA SER B 1 22.47 13.16 18.07
C SER B 1 21.45 13.94 17.37
C SER B 1 21.35 13.87 17.31
N MET B 2 21.85 14.54 16.26
N MET B 2 21.71 14.36 16.13
CA MET B 2 20.96 15.35 15.43
CA MET B 2 20.85 15.20 15.31
C MET B 2 20.64 14.57 14.17
C MET B 2 20.47 14.44 14.05
N VAL B 3 19.37 14.26 13.98
N VAL B 3 19.25 13.94 13.99
CA VAL B 3 18.88 13.59 12.78
CA VAL B 3 18.73 13.28 12.81
C VAL B 3 17.61 14.30 12.32
C VAL B 3 17.44 13.99 12.37
N ASN B 4 17.26 14.06 11.06
CA ASN B 4 16.08 14.71 10.46
C ASN B 4 16.05 16.19 10.77
N SER B 5 17.22 16.83 10.67
CA SER B 5 17.36 18.26 10.99
C SER B 5 17.27 19.06 9.69
N PHE B 6 16.05 19.11 9.16
CA PHE B 6 15.77 19.85 7.93
C PHE B 6 15.73 21.34 8.25
N SER B 7 16.36 22.15 7.42
CA SER B 7 16.47 23.59 7.65
C SER B 7 16.33 24.34 6.33
N GLY B 8 15.60 25.45 6.37
CA GLY B 8 15.50 26.31 5.21
C GLY B 8 14.51 25.87 4.16
N TYR B 9 13.55 25.01 4.52
CA TYR B 9 12.55 24.58 3.56
C TYR B 9 11.37 25.53 3.55
N LEU B 10 10.78 25.67 2.37
CA LEU B 10 9.57 26.43 2.17
C LEU B 10 8.38 25.49 2.28
N LYS B 11 7.40 25.86 3.09
CA LYS B 11 6.21 25.05 3.28
C LYS B 11 5.26 25.26 2.10
N LEU B 12 4.88 24.17 1.43
CA LEU B 12 3.86 24.21 0.39
C LEU B 12 2.50 23.79 0.92
N THR B 13 2.45 22.69 1.64
CA THR B 13 1.26 22.24 2.35
C THR B 13 1.67 21.86 3.76
N ASP B 14 0.70 21.38 4.55
N ASP B 14 0.71 21.37 4.54
CA ASP B 14 1.01 21.00 5.92
CA ASP B 14 0.99 20.99 5.93
C ASP B 14 2.12 19.97 5.99
C ASP B 14 1.99 19.85 6.05
N ASN B 15 2.25 19.12 4.96
CA ASN B 15 3.20 18.01 5.00
C ASN B 15 4.24 18.01 3.88
N VAL B 16 4.21 18.95 2.95
CA VAL B 16 5.14 18.98 1.83
C VAL B 16 5.95 20.26 1.89
N TYR B 17 7.27 20.11 1.91
CA TYR B 17 8.24 21.20 2.02
C TYR B 17 9.22 21.09 0.86
N ILE B 18 9.81 22.23 0.47
CA ILE B 18 10.67 22.25 -0.70
C ILE B 18 11.85 23.18 -0.47
N LYS B 19 13.00 22.82 -1.05
CA LYS B 19 14.24 23.58 -0.90
C LYS B 19 15.05 23.47 -2.18
N ASN B 20 15.72 24.56 -2.53
CA ASN B 20 16.70 24.54 -3.63
C ASN B 20 18.00 24.01 -3.05
N ALA B 21 18.33 22.75 -3.36
CA ALA B 21 19.47 22.11 -2.75
C ALA B 21 19.88 20.87 -3.53
N ASP B 22 21.15 20.49 -3.34
CA ASP B 22 21.72 19.25 -3.82
C ASP B 22 21.37 18.14 -2.82
N ILE B 23 20.62 17.13 -3.27
CA ILE B 23 20.08 16.13 -2.35
C ILE B 23 21.18 15.35 -1.63
N VAL B 24 22.33 15.15 -2.26
CA VAL B 24 23.45 14.48 -1.60
C VAL B 24 23.97 15.34 -0.46
N GLU B 25 24.23 16.63 -0.74
CA GLU B 25 24.69 17.53 0.30
C GLU B 25 23.64 17.66 1.41
N GLU B 26 22.37 17.71 1.03
N GLU B 26 22.37 17.71 1.03
CA GLU B 26 21.31 17.78 2.03
CA GLU B 26 21.29 17.78 2.01
C GLU B 26 21.30 16.54 2.91
C GLU B 26 21.29 16.55 2.91
N ALA B 27 21.39 15.36 2.31
CA ALA B 27 21.39 14.13 3.09
C ALA B 27 22.52 14.13 4.10
N LYS B 28 23.72 14.56 3.69
CA LYS B 28 24.86 14.55 4.60
C LYS B 28 24.68 15.54 5.74
N LYS B 29 23.98 16.65 5.50
CA LYS B 29 23.76 17.64 6.54
C LYS B 29 22.55 17.33 7.42
N VAL B 30 21.43 16.89 6.82
CA VAL B 30 20.18 16.66 7.55
C VAL B 30 20.23 15.38 8.38
N LYS B 31 20.98 14.39 7.91
CA LYS B 31 21.03 13.07 8.52
C LYS B 31 19.63 12.46 8.59
N PRO B 32 18.96 12.28 7.45
CA PRO B 32 17.57 11.79 7.47
C PRO B 32 17.50 10.30 7.76
N THR B 33 16.38 9.89 8.36
CA THR B 33 16.07 8.47 8.48
C THR B 33 15.95 7.83 7.10
N VAL B 34 15.33 8.54 6.14
CA VAL B 34 15.06 7.99 4.83
C VAL B 34 15.44 9.01 3.77
N VAL B 35 16.28 8.61 2.82
CA VAL B 35 16.44 9.34 1.57
C VAL B 35 15.82 8.51 0.45
N VAL B 36 15.06 9.16 -0.41
CA VAL B 36 14.43 8.50 -1.55
C VAL B 36 15.37 8.56 -2.75
N ASN B 37 15.54 7.42 -3.42
CA ASN B 37 16.23 7.35 -4.70
C ASN B 37 15.21 7.27 -5.83
N ALA B 38 15.49 8.00 -6.91
CA ALA B 38 14.76 7.92 -8.18
C ALA B 38 15.30 6.72 -8.94
N ALA B 39 14.80 5.54 -8.56
CA ALA B 39 15.30 4.25 -9.02
C ALA B 39 14.61 3.79 -10.29
N ASN B 40 15.21 2.78 -10.92
CA ASN B 40 14.57 1.99 -11.97
C ASN B 40 14.40 0.55 -11.48
N VAL B 41 13.69 -0.25 -12.26
CA VAL B 41 13.25 -1.57 -11.76
C VAL B 41 14.42 -2.50 -11.47
N TYR B 42 15.55 -2.34 -12.16
CA TYR B 42 16.71 -3.19 -11.92
C TYR B 42 17.74 -2.53 -11.02
N LEU B 43 17.39 -1.40 -10.39
CA LEU B 43 18.27 -0.72 -9.46
C LEU B 43 19.65 -0.48 -10.06
N LYS B 44 19.69 -0.05 -11.32
CA LYS B 44 20.91 0.31 -12.00
C LYS B 44 21.05 1.83 -11.90
N HIS B 45 21.96 2.28 -11.04
CA HIS B 45 22.01 3.67 -10.61
C HIS B 45 22.99 4.44 -11.49
N GLY B 46 22.55 4.70 -12.73
N GLY B 46 22.56 4.67 -12.73
CA GLY B 46 23.40 5.27 -13.74
CA GLY B 46 23.43 5.30 -13.71
C GLY B 46 23.47 6.79 -13.83
C GLY B 46 23.47 6.81 -13.64
N GLY B 47 22.32 7.45 -13.83
CA GLY B 47 22.27 8.88 -14.08
C GLY B 47 21.42 9.63 -13.07
N GLY B 48 21.37 10.95 -13.24
CA GLY B 48 20.49 11.75 -12.41
C GLY B 48 20.72 11.51 -10.94
N VAL B 49 19.62 11.50 -10.18
CA VAL B 49 19.69 11.35 -8.73
C VAL B 49 20.35 10.03 -8.35
N ALA B 50 19.97 8.95 -9.01
CA ALA B 50 20.50 7.64 -8.63
C ALA B 50 22.02 7.58 -8.81
N GLY B 51 22.50 8.11 -9.93
CA GLY B 51 23.94 8.14 -10.13
C GLY B 51 24.66 8.94 -9.07
N ALA B 52 24.08 10.08 -8.67
CA ALA B 52 24.71 10.91 -7.67
C ALA B 52 24.70 10.23 -6.30
N LEU B 53 23.58 9.64 -5.90
CA LEU B 53 23.54 8.94 -4.62
C LEU B 53 24.54 7.79 -4.60
N ASN B 54 24.56 6.99 -5.67
CA ASN B 54 25.47 5.85 -5.68
C ASN B 54 26.92 6.31 -5.63
N LYS B 55 27.28 7.35 -6.39
CA LYS B 55 28.64 7.87 -6.35
C LYS B 55 29.02 8.30 -4.94
N ALA B 56 28.10 8.94 -4.23
CA ALA B 56 28.40 9.39 -2.88
C ALA B 56 28.72 8.21 -1.96
N THR B 57 28.12 7.04 -2.23
CA THR B 57 28.40 5.83 -1.45
C THR B 57 29.62 5.08 -1.95
N ASN B 58 30.37 5.64 -2.91
CA ASN B 58 31.53 4.95 -3.47
C ASN B 58 31.14 3.58 -4.03
N ASN B 59 29.97 3.52 -4.67
CA ASN B 59 29.45 2.34 -5.37
C ASN B 59 28.89 1.28 -4.42
N ALA B 60 28.92 1.50 -3.11
CA ALA B 60 28.36 0.51 -2.18
C ALA B 60 26.87 0.29 -2.43
N MET B 61 26.16 1.35 -2.79
CA MET B 61 24.74 1.22 -3.09
C MET B 61 24.52 0.27 -4.27
N GLN B 62 25.34 0.39 -5.31
CA GLN B 62 25.16 -0.46 -6.48
C GLN B 62 25.45 -1.92 -6.16
N VAL B 63 26.51 -2.18 -5.38
CA VAL B 63 26.83 -3.55 -5.02
C VAL B 63 25.68 -4.16 -4.22
N GLU B 64 25.17 -3.42 -3.24
CA GLU B 64 24.04 -3.90 -2.44
C GLU B 64 22.80 -4.11 -3.30
N SER B 65 22.57 -3.20 -4.25
CA SER B 65 21.41 -3.30 -5.12
C SER B 65 21.48 -4.52 -6.03
N ASP B 66 22.65 -4.80 -6.61
CA ASP B 66 22.78 -5.98 -7.46
C ASP B 66 22.50 -7.26 -6.68
N ASP B 67 22.95 -7.32 -5.43
CA ASP B 67 22.64 -8.48 -4.61
C ASP B 67 21.15 -8.58 -4.31
N TYR B 68 20.49 -7.44 -4.04
CA TYR B 68 19.04 -7.44 -3.85
C TYR B 68 18.32 -8.00 -5.07
N ILE B 69 18.73 -7.57 -6.27
CA ILE B 69 18.11 -8.03 -7.50
C ILE B 69 18.33 -9.52 -7.71
N ALA B 70 19.55 -10.01 -7.43
CA ALA B 70 19.81 -11.44 -7.58
C ALA B 70 18.85 -12.26 -6.72
N THR B 71 18.55 -11.79 -5.52
CA THR B 71 17.70 -12.53 -4.60
C THR B 71 16.21 -12.36 -4.90
N ASN B 72 15.80 -11.16 -5.33
CA ASN B 72 14.40 -10.79 -5.37
C ASN B 72 13.84 -10.51 -6.75
N GLY B 73 14.69 -10.32 -7.77
CA GLY B 73 14.22 -9.90 -9.07
C GLY B 73 13.87 -8.43 -9.10
N PRO B 74 13.50 -7.94 -10.28
CA PRO B 74 13.25 -6.51 -10.44
C PRO B 74 12.00 -6.05 -9.72
N LEU B 75 11.99 -4.76 -9.40
CA LEU B 75 10.82 -4.10 -8.84
C LEU B 75 9.78 -3.92 -9.95
N LYS B 76 8.57 -3.54 -9.53
CA LYS B 76 7.53 -3.06 -10.45
C LYS B 76 7.64 -1.55 -10.59
N VAL B 77 7.32 -1.03 -11.78
CA VAL B 77 7.12 0.41 -11.91
C VAL B 77 5.98 0.81 -10.98
N GLY B 78 6.22 1.83 -10.16
CA GLY B 78 5.30 2.21 -9.09
C GLY B 78 5.63 1.62 -7.75
N GLY B 79 6.58 0.67 -7.69
CA GLY B 79 6.94 0.01 -6.46
C GLY B 79 8.22 0.56 -5.84
N SER B 80 8.65 -0.08 -4.75
CA SER B 80 9.81 0.40 -4.00
C SER B 80 10.42 -0.75 -3.21
N CYS B 81 11.64 -0.52 -2.73
CA CYS B 81 12.25 -1.36 -1.71
C CYS B 81 13.09 -0.48 -0.79
N VAL B 82 13.25 -0.95 0.45
CA VAL B 82 14.09 -0.29 1.45
C VAL B 82 15.43 -1.01 1.51
N LEU B 83 16.50 -0.26 1.31
CA LEU B 83 17.86 -0.75 1.45
C LEU B 83 18.62 0.20 2.38
N SER B 84 19.92 -0.07 2.58
CA SER B 84 20.71 0.79 3.44
C SER B 84 20.84 2.19 2.85
N GLY B 85 20.96 3.18 3.72
CA GLY B 85 21.30 4.53 3.32
C GLY B 85 22.79 4.85 3.35
N HIS B 86 23.65 3.92 3.75
CA HIS B 86 25.11 4.08 3.63
C HIS B 86 25.54 5.34 4.37
N ASN B 87 26.27 6.25 3.73
CA ASN B 87 26.72 7.49 4.35
C ASN B 87 25.73 8.63 4.15
N LEU B 88 24.52 8.34 3.68
CA LEU B 88 23.54 9.36 3.35
C LEU B 88 22.35 9.41 4.31
N ALA B 89 21.98 8.28 4.89
CA ALA B 89 20.72 8.18 5.64
C ALA B 89 20.73 6.83 6.33
N LYS B 90 19.79 6.64 7.27
CA LYS B 90 19.62 5.31 7.83
C LYS B 90 19.23 4.32 6.73
N HIS B 91 18.22 4.69 5.93
CA HIS B 91 17.69 3.87 4.87
C HIS B 91 17.61 4.67 3.57
N CYS B 92 17.74 3.96 2.46
CA CYS B 92 17.36 4.49 1.16
C CYS B 92 16.10 3.77 0.69
N LEU B 93 15.06 4.54 0.41
CA LEU B 93 13.83 4.03 -0.20
C LEU B 93 13.98 4.20 -1.71
N HIS B 94 14.20 3.09 -2.41
CA HIS B 94 14.34 3.12 -3.86
C HIS B 94 12.94 3.05 -4.45
N VAL B 95 12.48 4.13 -5.09
CA VAL B 95 11.12 4.22 -5.62
C VAL B 95 11.19 4.34 -7.13
N VAL B 96 10.41 3.54 -7.83
CA VAL B 96 10.40 3.54 -9.30
C VAL B 96 9.19 4.33 -9.78
N GLY B 97 9.40 5.57 -10.21
CA GLY B 97 8.39 6.31 -10.93
C GLY B 97 8.43 5.93 -12.40
N PRO B 98 7.35 6.19 -13.12
CA PRO B 98 7.35 5.94 -14.57
C PRO B 98 8.35 6.84 -15.29
N ASN B 99 9.04 6.26 -16.27
CA ASN B 99 9.96 6.99 -17.12
C ASN B 99 9.26 7.29 -18.44
N VAL B 100 8.79 8.54 -18.58
N VAL B 100 8.79 8.54 -18.58
CA VAL B 100 8.09 8.94 -19.81
CA VAL B 100 8.11 8.96 -19.80
C VAL B 100 9.03 8.89 -21.01
C VAL B 100 9.03 8.89 -21.01
N ASN B 101 10.33 9.13 -20.80
CA ASN B 101 11.31 9.00 -21.88
C ASN B 101 11.46 7.55 -22.36
N LYS B 102 10.94 6.58 -21.60
CA LYS B 102 10.88 5.19 -22.01
C LYS B 102 9.46 4.77 -22.39
N GLY B 103 8.53 5.71 -22.50
CA GLY B 103 7.17 5.41 -22.89
C GLY B 103 6.30 4.84 -21.79
N GLU B 104 6.75 4.86 -20.55
N GLU B 104 6.74 4.88 -20.54
CA GLU B 104 5.99 4.28 -19.45
CA GLU B 104 5.96 4.32 -19.45
C GLU B 104 4.84 5.20 -19.06
C GLU B 104 4.83 5.28 -19.06
N ASP B 105 3.80 4.59 -18.48
N ASP B 105 3.77 4.70 -18.51
CA ASP B 105 2.54 5.29 -18.27
CA ASP B 105 2.53 5.44 -18.29
C ASP B 105 2.66 6.28 -17.12
C ASP B 105 2.66 6.39 -17.11
N ILE B 106 2.51 7.57 -17.43
N ILE B 106 2.49 7.69 -17.38
CA ILE B 106 2.57 8.62 -16.41
CA ILE B 106 2.57 8.70 -16.33
C ILE B 106 1.55 8.41 -15.31
C ILE B 106 1.53 8.48 -15.24
N GLN B 107 0.47 7.67 -15.59
N GLN B 107 0.48 7.71 -15.54
CA GLN B 107 -0.55 7.42 -14.57
CA GLN B 107 -0.55 7.44 -14.53
C GLN B 107 0.01 6.67 -13.36
C GLN B 107 0.00 6.65 -13.35
N LEU B 108 1.11 5.95 -13.51
CA LEU B 108 1.71 5.18 -12.42
C LEU B 108 2.43 6.04 -11.40
N LEU B 109 2.49 7.35 -11.63
CA LEU B 109 3.19 8.24 -10.71
C LEU B 109 2.51 8.28 -9.35
N LYS B 110 1.17 8.23 -9.32
CA LYS B 110 0.50 8.25 -8.03
C LYS B 110 0.88 7.03 -7.19
N SER B 111 0.83 5.83 -7.80
CA SER B 111 1.26 4.63 -7.10
C SER B 111 2.69 4.78 -6.56
N ALA B 112 3.59 5.35 -7.36
CA ALA B 112 4.96 5.54 -6.90
C ALA B 112 5.01 6.41 -5.65
N TYR B 113 4.28 7.53 -5.64
CA TYR B 113 4.29 8.40 -4.48
C TYR B 113 3.64 7.75 -3.26
N GLU B 114 2.70 6.82 -3.45
CA GLU B 114 2.07 6.16 -2.31
C GLU B 114 3.11 5.46 -1.44
N ASN B 115 4.24 5.04 -2.02
CA ASN B 115 5.27 4.41 -1.21
C ASN B 115 5.77 5.33 -0.10
N PHE B 116 5.73 6.65 -0.33
CA PHE B 116 6.23 7.59 0.68
C PHE B 116 5.41 7.52 1.95
N ASN B 117 4.12 7.13 1.86
CA ASN B 117 3.24 7.12 3.02
C ASN B 117 3.62 6.05 4.04
N GLN B 118 4.53 5.15 3.70
CA GLN B 118 5.00 4.15 4.65
C GLN B 118 6.13 4.64 5.54
N HIS B 119 6.48 5.93 5.43
CA HIS B 119 7.58 6.51 6.20
C HIS B 119 7.15 7.87 6.74
N GLU B 120 7.38 8.11 8.02
CA GLU B 120 6.83 9.32 8.64
C GLU B 120 7.49 10.59 8.12
N VAL B 121 8.77 10.53 7.75
CA VAL B 121 9.50 11.68 7.23
C VAL B 121 10.54 11.20 6.23
N LEU B 122 10.66 11.90 5.10
CA LEU B 122 11.59 11.53 4.04
C LEU B 122 12.21 12.77 3.42
N LEU B 123 13.48 12.63 3.00
CA LEU B 123 14.14 13.53 2.08
C LEU B 123 14.02 12.93 0.68
N ALA B 124 13.54 13.71 -0.30
CA ALA B 124 13.21 13.09 -1.58
C ALA B 124 13.42 14.03 -2.75
N PRO B 125 13.65 13.47 -3.94
CA PRO B 125 13.51 14.22 -5.19
C PRO B 125 12.08 14.11 -5.70
N LEU B 126 11.75 14.93 -6.70
CA LEU B 126 10.49 14.79 -7.42
C LEU B 126 10.53 13.57 -8.32
N LEU B 127 9.62 12.64 -8.11
CA LEU B 127 9.61 11.41 -8.88
C LEU B 127 9.26 11.67 -10.33
N SER B 128 9.87 10.89 -11.20
CA SER B 128 9.67 10.92 -12.64
C SER B 128 10.13 12.22 -13.29
N ALA B 129 10.76 13.13 -12.54
CA ALA B 129 11.29 14.37 -13.09
C ALA B 129 12.65 14.13 -13.76
N GLY B 130 13.17 15.19 -14.34
CA GLY B 130 14.53 15.15 -14.85
C GLY B 130 14.68 14.14 -15.97
N ILE B 131 15.66 13.25 -15.82
CA ILE B 131 15.94 12.27 -16.85
C ILE B 131 14.80 11.29 -17.06
N PHE B 132 13.82 11.24 -16.14
CA PHE B 132 12.65 10.40 -16.33
C PHE B 132 11.57 11.05 -17.20
N GLY B 133 11.68 12.36 -17.49
CA GLY B 133 10.91 12.98 -18.56
C GLY B 133 9.54 13.54 -18.20
N ALA B 134 9.05 13.37 -16.99
CA ALA B 134 7.74 13.93 -16.67
C ALA B 134 7.86 15.43 -16.38
N ASP B 135 6.72 16.10 -16.47
CA ASP B 135 6.66 17.52 -16.13
C ASP B 135 6.84 17.65 -14.62
N PRO B 136 7.90 18.33 -14.15
CA PRO B 136 8.08 18.43 -12.69
C PRO B 136 6.93 19.15 -11.99
N ILE B 137 6.25 20.07 -12.68
CA ILE B 137 5.07 20.69 -12.09
C ILE B 137 3.99 19.65 -11.80
N HIS B 138 3.80 18.71 -12.72
CA HIS B 138 2.85 17.63 -12.49
C HIS B 138 3.33 16.71 -11.38
N SER B 139 4.63 16.41 -11.33
CA SER B 139 5.12 15.55 -10.27
C SER B 139 4.88 16.17 -8.91
N LEU B 140 5.09 17.48 -8.78
CA LEU B 140 4.80 18.15 -7.52
C LEU B 140 3.32 18.07 -7.19
N ARG B 141 2.46 18.25 -8.18
CA ARG B 141 1.01 18.12 -8.00
C ARG B 141 0.64 16.75 -7.44
N VAL B 142 1.15 15.69 -8.07
CA VAL B 142 0.82 14.35 -7.61
C VAL B 142 1.39 14.13 -6.21
N CYS B 143 2.60 14.63 -5.94
CA CYS B 143 3.17 14.52 -4.61
C CYS B 143 2.23 15.12 -3.57
N VAL B 144 1.82 16.38 -3.78
CA VAL B 144 0.98 17.05 -2.80
C VAL B 144 -0.36 16.35 -2.63
N ASP B 145 -0.89 15.78 -3.71
CA ASP B 145 -2.21 15.15 -3.68
C ASP B 145 -2.16 13.70 -3.23
N THR B 146 -0.97 13.15 -3.00
CA THR B 146 -0.83 11.73 -2.66
C THR B 146 -0.13 11.49 -1.33
N VAL B 147 0.96 12.21 -1.07
CA VAL B 147 1.76 11.99 0.12
C VAL B 147 1.10 12.71 1.29
N ARG B 148 0.94 11.99 2.40
CA ARG B 148 0.40 12.55 3.63
C ARG B 148 1.43 12.62 4.75
N THR B 149 2.53 11.86 4.65
CA THR B 149 3.63 11.94 5.59
C THR B 149 4.50 13.15 5.24
N ASN B 150 5.52 13.42 6.04
CA ASN B 150 6.28 14.64 5.91
C ASN B 150 7.39 14.44 4.88
N VAL B 151 7.28 15.13 3.74
CA VAL B 151 8.24 14.98 2.65
C VAL B 151 8.94 16.31 2.41
N TYR B 152 10.27 16.25 2.41
CA TYR B 152 11.17 17.37 2.20
C TYR B 152 11.80 17.18 0.83
N LEU B 153 11.39 18.00 -0.14
CA LEU B 153 11.82 17.87 -1.52
C LEU B 153 13.04 18.73 -1.78
N ALA B 154 14.06 18.14 -2.40
CA ALA B 154 15.27 18.83 -2.81
C ALA B 154 15.25 19.01 -4.32
N VAL B 155 15.35 20.26 -4.77
CA VAL B 155 15.37 20.61 -6.18
C VAL B 155 16.70 21.29 -6.46
N PHE B 156 17.51 20.69 -7.32
CA PHE B 156 18.89 21.16 -7.53
C PHE B 156 18.96 22.51 -8.24
N ASP B 157 18.22 22.68 -9.33
CA ASP B 157 18.33 23.86 -10.16
C ASP B 157 17.47 24.97 -9.60
N LYS B 158 18.09 26.10 -9.22
CA LYS B 158 17.35 27.25 -8.70
C LYS B 158 16.23 27.68 -9.65
N ASN B 159 16.47 27.62 -10.97
CA ASN B 159 15.47 28.08 -11.92
C ASN B 159 14.26 27.14 -11.96
N LEU B 160 14.48 25.83 -11.79
CA LEU B 160 13.33 24.92 -11.70
C LEU B 160 12.62 25.09 -10.37
N TYR B 161 13.39 25.26 -9.28
CA TYR B 161 12.80 25.55 -7.98
C TYR B 161 11.85 26.74 -8.08
N ASP B 162 12.31 27.83 -8.69
CA ASP B 162 11.49 29.02 -8.80
C ASP B 162 10.23 28.76 -9.62
N LYS B 163 10.36 27.99 -10.71
CA LYS B 163 9.19 27.66 -11.52
C LYS B 163 8.18 26.85 -10.71
N LEU B 164 8.67 25.90 -9.92
CA LEU B 164 7.80 25.04 -9.12
C LEU B 164 7.09 25.86 -8.04
N VAL B 165 7.83 26.69 -7.30
CA VAL B 165 7.24 27.45 -6.20
C VAL B 165 6.29 28.50 -6.75
N SER B 166 6.75 29.26 -7.75
CA SER B 166 5.98 30.40 -8.23
C SER B 166 4.68 29.96 -8.88
N SER B 167 4.62 28.74 -9.42
CA SER B 167 3.42 28.24 -10.09
C SER B 167 2.55 27.35 -9.20
N PHE B 168 3.00 27.00 -7.99
CA PHE B 168 2.20 26.10 -7.15
C PHE B 168 0.91 26.78 -6.67
N LEU B 169 0.97 28.08 -6.44
CA LEU B 169 -0.17 28.83 -5.94
C LEU B 169 -0.19 30.27 -6.44
#